data_5HQG
#
_entry.id   5HQG
#
_cell.length_a   68.914
_cell.length_b   68.914
_cell.length_c   133.922
_cell.angle_alpha   90.00
_cell.angle_beta   90.00
_cell.angle_gamma   120.00
#
_symmetry.space_group_name_H-M   'P 31 2 1'
#
loop_
_entity.id
_entity.type
_entity.pdbx_description
1 polymer 'E3 ubiquitin-protein ligase RFWD2'
2 water water
#
_entity_poly.entity_id   1
_entity_poly.type   'polypeptide(L)'
_entity_poly.pdbx_seq_one_letter_code
;HHHHHHMSRISDDSRTASQLDEFQECLSKFTRYNSVRPLATLSYASDLYNGSSIVSSIEFDRDCDYFAIAGVTKKIKVYE
YDTVIQDAVDIHYPENEMTCNSKISCISWSSYHKNLLASSDYEGTVILWDGFTGQRSKVYQEHEKRCWSVDFNLMDPKLL
ASGSDDAKVKLWSTNLDNSVASIEAKANVCCVKFSPSSRYHLAFGCADHCVHYYDLRNTKQPIMVFKGHRKAVSYAKFVS
GEEIVSASTDSQLKLWNVGKPYCLRSFKGHINEKNFVGLASNGDYIACGSENNSLYLYYKGLSKTLLTFKFDTVKSVLDK
DRKEDDTNEFVSAVCWRALPDGESNVLIAANSQGTIKVLELV
;
_entity_poly.pdbx_strand_id   A
#
# COMPACT_ATOMS: atom_id res chain seq x y z
N GLU A 22 -22.34 -12.53 -17.61
CA GLU A 22 -21.42 -11.56 -17.03
C GLU A 22 -20.30 -11.20 -18.01
N PHE A 23 -20.27 -11.87 -19.15
CA PHE A 23 -19.24 -11.59 -20.15
C PHE A 23 -19.31 -10.15 -20.63
N GLN A 24 -20.52 -9.65 -20.90
CA GLN A 24 -20.66 -8.30 -21.42
C GLN A 24 -20.08 -7.26 -20.46
N GLU A 25 -20.40 -7.38 -19.18
CA GLU A 25 -19.89 -6.42 -18.20
C GLU A 25 -18.37 -6.49 -18.10
N CYS A 26 -17.80 -7.70 -18.22
CA CYS A 26 -16.34 -7.83 -18.21
C CYS A 26 -15.71 -6.94 -19.27
N LEU A 27 -16.33 -6.86 -20.45
CA LEU A 27 -15.79 -6.03 -21.52
C LEU A 27 -16.10 -4.55 -21.29
N SER A 28 -17.30 -4.24 -20.80
CA SER A 28 -17.66 -2.85 -20.54
C SER A 28 -16.76 -2.24 -19.47
N LYS A 29 -16.43 -3.02 -18.44
CA LYS A 29 -15.53 -2.54 -17.40
C LYS A 29 -14.08 -2.53 -17.88
N PHE A 30 -13.72 -3.42 -18.80
CA PHE A 30 -12.35 -3.44 -19.32
C PHE A 30 -12.11 -2.31 -20.32
N THR A 31 -13.16 -1.85 -21.00
CA THR A 31 -13.03 -0.74 -21.95
C THR A 31 -13.51 0.58 -21.35
N ARG A 32 -13.73 0.64 -20.04
CA ARG A 32 -14.25 1.85 -19.43
C ARG A 32 -13.27 3.01 -19.57
N TYR A 33 -11.97 2.73 -19.45
CA TYR A 33 -10.94 3.74 -19.57
C TYR A 33 -10.02 3.42 -20.75
N ASN A 34 -9.53 4.47 -21.40
CA ASN A 34 -8.64 4.30 -22.55
C ASN A 34 -7.48 5.29 -22.57
N SER A 35 -7.39 6.20 -21.60
CA SER A 35 -6.36 7.22 -21.61
C SER A 35 -6.06 7.64 -20.18
N VAL A 36 -5.05 8.49 -20.04
CA VAL A 36 -4.60 8.98 -18.74
C VAL A 36 -4.10 10.41 -18.91
N ARG A 37 -4.51 11.27 -18.00
CA ARG A 37 -4.19 12.69 -18.06
C ARG A 37 -3.52 13.13 -16.76
N PRO A 38 -2.24 13.50 -16.78
CA PRO A 38 -1.60 13.96 -15.54
C PRO A 38 -2.18 15.29 -15.08
N LEU A 39 -2.42 15.39 -13.78
CA LEU A 39 -2.94 16.63 -13.19
C LEU A 39 -1.91 17.38 -12.37
N ALA A 40 -0.86 16.71 -11.90
CA ALA A 40 0.15 17.37 -11.09
C ALA A 40 1.43 16.54 -11.13
N THR A 41 2.55 17.21 -10.84
CA THR A 41 3.85 16.57 -10.78
C THR A 41 4.64 17.18 -9.63
N LEU A 42 5.06 16.35 -8.69
CA LEU A 42 5.88 16.79 -7.57
C LEU A 42 7.08 15.87 -7.44
N SER A 43 8.03 16.28 -6.59
CA SER A 43 9.23 15.51 -6.32
C SER A 43 9.33 15.23 -4.83
N TYR A 44 9.60 13.98 -4.48
CA TYR A 44 9.79 13.61 -3.09
C TYR A 44 11.05 14.24 -2.50
N ALA A 45 11.97 14.68 -3.35
CA ALA A 45 13.21 15.29 -2.90
C ALA A 45 13.16 16.81 -3.06
N LEU A 48 17.82 15.96 -3.61
CA LEU A 48 18.67 16.31 -2.48
C LEU A 48 20.01 15.60 -2.59
N TYR A 49 21.03 16.34 -3.02
CA TYR A 49 22.39 15.82 -3.17
C TYR A 49 22.44 14.58 -4.07
N ASN A 50 21.47 14.43 -4.97
CA ASN A 50 21.39 13.28 -5.87
C ASN A 50 21.24 11.97 -5.11
N GLY A 51 20.87 12.02 -3.84
CA GLY A 51 20.68 10.81 -3.06
C GLY A 51 19.40 10.09 -3.43
N SER A 52 19.30 8.85 -2.96
CA SER A 52 18.13 8.03 -3.24
C SER A 52 16.88 8.73 -2.72
N SER A 53 15.84 8.74 -3.55
CA SER A 53 14.56 9.37 -3.20
C SER A 53 13.40 8.47 -3.57
N ILE A 54 13.58 7.15 -3.43
CA ILE A 54 12.51 6.21 -3.72
C ILE A 54 11.35 6.46 -2.78
N VAL A 55 10.16 6.58 -3.34
CA VAL A 55 8.93 6.68 -2.57
C VAL A 55 8.40 5.27 -2.33
N SER A 56 8.17 4.92 -1.06
CA SER A 56 7.71 3.58 -0.70
C SER A 56 6.23 3.52 -0.38
N SER A 57 5.58 4.63 -0.07
CA SER A 57 4.20 4.57 0.40
C SER A 57 3.46 5.87 0.10
N ILE A 58 2.23 5.74 -0.38
CA ILE A 58 1.32 6.85 -0.63
C ILE A 58 -0.04 6.47 -0.07
N GLU A 59 -0.65 7.38 0.68
CA GLU A 59 -1.96 7.12 1.27
C GLU A 59 -2.71 8.43 1.48
N PHE A 60 -4.02 8.39 1.27
CA PHE A 60 -4.90 9.52 1.51
C PHE A 60 -5.49 9.44 2.92
N ASP A 61 -5.87 10.59 3.46
CA ASP A 61 -6.59 10.61 4.71
C ASP A 61 -8.04 10.17 4.47
N ARG A 62 -8.80 10.05 5.56
CA ARG A 62 -10.16 9.50 5.47
C ARG A 62 -10.99 10.22 4.42
N ASP A 63 -10.94 11.55 4.41
CA ASP A 63 -11.77 12.34 3.50
C ASP A 63 -11.12 12.55 2.14
N CYS A 64 -9.90 12.09 1.94
CA CYS A 64 -9.16 12.29 0.70
C CYS A 64 -8.84 13.76 0.43
N ASP A 65 -8.90 14.60 1.47
CA ASP A 65 -8.45 15.98 1.35
C ASP A 65 -6.94 16.05 1.24
N TYR A 66 -6.23 15.21 2.00
CA TYR A 66 -4.78 15.20 2.05
C TYR A 66 -4.26 13.82 1.70
N PHE A 67 -3.07 13.79 1.11
CA PHE A 67 -2.34 12.55 0.95
C PHE A 67 -0.95 12.74 1.56
N ALA A 68 -0.36 11.61 1.96
CA ALA A 68 0.95 11.60 2.57
C ALA A 68 1.89 10.73 1.76
N ILE A 69 3.16 11.09 1.77
CA ILE A 69 4.19 10.39 1.01
C ILE A 69 5.37 10.12 1.93
N ALA A 70 5.98 8.95 1.79
CA ALA A 70 7.10 8.57 2.62
C ALA A 70 8.03 7.65 1.84
N GLY A 71 9.29 7.62 2.24
CA GLY A 71 10.27 6.81 1.55
C GLY A 71 11.63 6.80 2.22
N VAL A 72 12.69 6.65 1.42
CA VAL A 72 14.02 6.41 1.95
C VAL A 72 14.69 7.66 2.52
N THR A 73 14.15 8.85 2.27
CA THR A 73 14.71 10.07 2.84
C THR A 73 14.35 10.24 4.30
N LYS A 74 13.56 9.35 4.88
CA LYS A 74 13.20 9.35 6.30
C LYS A 74 12.16 10.42 6.63
N LYS A 75 11.48 10.97 5.63
CA LYS A 75 10.54 12.07 5.83
C LYS A 75 9.15 11.67 5.39
N ILE A 76 8.15 12.07 6.17
CA ILE A 76 6.75 11.96 5.78
C ILE A 76 6.28 13.36 5.38
N LYS A 77 5.84 13.50 4.14
CA LYS A 77 5.40 14.79 3.61
C LYS A 77 3.90 14.73 3.32
N VAL A 78 3.15 15.66 3.90
CA VAL A 78 1.71 15.73 3.75
C VAL A 78 1.38 16.88 2.81
N TYR A 79 0.52 16.62 1.82
CA TYR A 79 0.12 17.59 0.83
C TYR A 79 -1.41 17.74 0.83
N GLU A 80 -1.87 18.97 0.59
CA GLU A 80 -3.30 19.22 0.40
C GLU A 80 -3.65 18.95 -1.06
N TYR A 81 -4.53 17.99 -1.29
CA TYR A 81 -4.79 17.52 -2.65
C TYR A 81 -5.24 18.67 -3.55
N ASP A 82 -6.24 19.44 -3.11
CA ASP A 82 -6.75 20.52 -3.95
C ASP A 82 -5.68 21.55 -4.27
N THR A 83 -4.74 21.78 -3.36
CA THR A 83 -3.67 22.72 -3.63
C THR A 83 -2.71 22.17 -4.68
N VAL A 84 -2.48 20.85 -4.68
CA VAL A 84 -1.49 20.27 -5.58
C VAL A 84 -1.94 20.40 -7.03
N ILE A 85 -3.21 20.11 -7.32
CA ILE A 85 -3.69 20.03 -8.70
C ILE A 85 -4.00 21.41 -9.25
N GLN A 86 -3.53 22.45 -8.57
CA GLN A 86 -3.77 23.84 -8.99
C GLN A 86 -2.45 24.60 -8.89
N ASP A 87 -1.81 24.81 -10.04
CA ASP A 87 -0.54 25.53 -10.19
C ASP A 87 0.59 24.56 -10.52
N ALA A 88 1.79 25.09 -10.73
CA ALA A 88 2.94 24.28 -11.09
C ALA A 88 4.10 24.52 -10.13
N ILE A 91 6.60 24.18 -7.94
CA ILE A 91 6.00 24.92 -6.84
C ILE A 91 5.00 24.04 -6.12
N HIS A 92 5.49 23.23 -5.17
CA HIS A 92 4.63 22.34 -4.39
C HIS A 92 5.28 22.16 -3.02
N TYR A 93 4.80 22.93 -2.03
CA TYR A 93 5.35 22.81 -0.68
C TYR A 93 4.38 22.06 0.21
N PRO A 94 4.83 21.08 0.98
CA PRO A 94 3.88 20.26 1.75
C PRO A 94 3.19 21.05 2.85
N GLU A 95 1.97 20.60 3.19
CA GLU A 95 1.28 21.14 4.35
C GLU A 95 2.11 20.95 5.61
N ASN A 96 2.63 19.74 5.82
CA ASN A 96 3.42 19.45 7.00
C ASN A 96 4.46 18.39 6.65
N GLU A 97 5.49 18.30 7.50
CA GLU A 97 6.61 17.40 7.27
C GLU A 97 7.05 16.81 8.60
N MET A 98 7.19 15.49 8.63
CA MET A 98 7.66 14.77 9.80
C MET A 98 8.89 13.95 9.44
N THR A 99 9.74 13.73 10.43
CA THR A 99 11.04 13.08 10.21
C THR A 99 11.16 11.85 11.10
N CYS A 100 11.53 10.74 10.47
CA CYS A 100 11.87 9.50 11.17
CA CYS A 100 11.87 9.52 11.19
C CYS A 100 13.38 9.36 11.23
N ASN A 101 13.84 8.44 12.09
CA ASN A 101 15.27 8.19 12.25
C ASN A 101 15.78 7.07 11.36
N SER A 102 14.97 6.61 10.40
CA SER A 102 15.40 5.59 9.46
C SER A 102 14.44 5.59 8.28
N LYS A 103 14.79 4.82 7.25
CA LYS A 103 13.94 4.73 6.07
C LYS A 103 12.53 4.29 6.47
N ILE A 104 11.54 4.86 5.79
CA ILE A 104 10.14 4.59 6.10
C ILE A 104 9.61 3.59 5.08
N SER A 105 9.02 2.51 5.57
CA SER A 105 8.54 1.43 4.72
C SER A 105 7.06 1.56 4.36
N CYS A 106 6.27 2.22 5.19
CA CYS A 106 4.82 2.21 5.00
C CYS A 106 4.19 3.28 5.88
N ILE A 107 3.04 3.79 5.43
CA ILE A 107 2.22 4.70 6.20
C ILE A 107 0.75 4.30 6.04
N SER A 108 -0.07 4.73 6.98
CA SER A 108 -1.50 4.42 6.95
C SER A 108 -2.26 5.47 7.75
N TRP A 109 -3.32 6.00 7.16
CA TRP A 109 -4.20 6.95 7.84
C TRP A 109 -5.35 6.19 8.52
N SER A 110 -5.73 6.67 9.70
CA SER A 110 -6.90 6.13 10.38
C SER A 110 -8.17 6.45 9.59
N SER A 111 -9.09 5.48 9.55
CA SER A 111 -10.40 5.69 8.97
C SER A 111 -11.39 6.30 9.95
N TYR A 112 -10.98 6.52 11.20
CA TYR A 112 -11.82 7.12 12.24
C TYR A 112 -11.40 8.54 12.58
N HIS A 113 -10.11 8.77 12.77
CA HIS A 113 -9.59 10.04 13.25
C HIS A 113 -8.82 10.70 12.12
N LYS A 114 -9.35 11.83 11.63
CA LYS A 114 -8.83 12.45 10.42
C LYS A 114 -7.33 12.70 10.49
N ASN A 115 -6.80 12.98 11.68
CA ASN A 115 -5.41 13.40 11.83
C ASN A 115 -4.48 12.25 12.19
N LEU A 116 -5.01 11.08 12.54
CA LEU A 116 -4.19 9.99 13.02
C LEU A 116 -3.51 9.27 11.85
N LEU A 117 -2.19 9.13 11.93
CA LEU A 117 -1.37 8.60 10.86
C LEU A 117 -0.24 7.79 11.46
N ALA A 118 -0.04 6.59 10.95
CA ALA A 118 0.98 5.68 11.45
C ALA A 118 2.08 5.48 10.41
N SER A 119 3.31 5.30 10.90
CA SER A 119 4.44 5.01 10.04
C SER A 119 5.22 3.82 10.59
N SER A 120 5.79 3.03 9.68
CA SER A 120 6.72 1.98 10.02
C SER A 120 8.05 2.26 9.33
N ASP A 121 9.16 1.90 9.99
CA ASP A 121 10.48 2.26 9.49
C ASP A 121 11.46 1.10 9.70
N TYR A 122 12.67 1.30 9.19
CA TYR A 122 13.67 0.23 9.16
C TYR A 122 14.24 -0.09 10.54
N GLU A 123 14.06 0.78 11.53
CA GLU A 123 14.47 0.46 12.89
C GLU A 123 13.55 -0.56 13.56
N GLY A 124 12.43 -0.91 12.92
CA GLY A 124 11.40 -1.71 13.54
C GLY A 124 10.31 -0.91 14.22
N THR A 125 10.35 0.41 14.13
CA THR A 125 9.46 1.28 14.90
C THR A 125 8.14 1.49 14.19
N VAL A 126 7.06 1.46 14.96
CA VAL A 126 5.75 1.91 14.51
C VAL A 126 5.41 3.14 15.33
N ILE A 127 5.19 4.27 14.64
CA ILE A 127 4.92 5.55 15.28
C ILE A 127 3.53 6.01 14.89
N LEU A 128 2.79 6.53 15.86
CA LEU A 128 1.49 7.15 15.62
C LEU A 128 1.68 8.67 15.65
N TRP A 129 1.32 9.32 14.55
CA TRP A 129 1.52 10.75 14.38
C TRP A 129 0.19 11.49 14.39
N ASP A 130 0.27 12.78 14.71
CA ASP A 130 -0.73 13.75 14.26
C ASP A 130 -0.20 14.38 12.98
N GLY A 131 -0.90 14.15 11.87
CA GLY A 131 -0.37 14.51 10.57
C GLY A 131 -0.18 16.00 10.35
N PHE A 132 -0.79 16.84 11.19
CA PHE A 132 -0.75 18.28 10.99
C PHE A 132 0.05 19.03 12.06
N THR A 133 0.25 18.43 13.24
CA THR A 133 1.13 19.01 14.24
C THR A 133 2.48 18.34 14.33
N GLY A 134 2.62 17.13 13.78
CA GLY A 134 3.84 16.36 13.90
C GLY A 134 4.05 15.73 15.25
N GLN A 135 3.11 15.91 16.19
CA GLN A 135 3.23 15.28 17.50
C GLN A 135 3.14 13.77 17.38
N ARG A 136 3.92 13.07 18.20
CA ARG A 136 3.88 11.62 18.29
C ARG A 136 3.08 11.24 19.53
N SER A 137 2.01 10.46 19.35
CA SER A 137 1.23 9.99 20.48
C SER A 137 1.68 8.62 20.98
N LYS A 138 2.25 7.80 20.10
CA LYS A 138 2.76 6.49 20.49
C LYS A 138 4.00 6.18 19.67
N VAL A 139 4.98 5.57 20.32
CA VAL A 139 6.19 5.08 19.65
C VAL A 139 6.34 3.63 20.07
N TYR A 140 6.00 2.72 19.16
CA TYR A 140 6.01 1.28 19.44
C TYR A 140 7.36 0.71 19.02
N GLN A 141 8.13 0.23 19.99
CA GLN A 141 9.47 -0.31 19.75
C GLN A 141 9.55 -1.72 20.31
N GLU A 142 9.04 -2.68 19.55
CA GLU A 142 9.16 -4.09 19.87
C GLU A 142 9.80 -4.91 18.76
N HIS A 143 9.51 -4.60 17.50
CA HIS A 143 10.08 -5.37 16.40
C HIS A 143 11.60 -5.34 16.46
N GLU A 144 12.19 -6.53 16.56
CA GLU A 144 13.64 -6.66 16.64
C GLU A 144 14.32 -6.41 15.30
N LYS A 145 13.57 -6.32 14.21
CA LYS A 145 14.12 -6.05 12.90
C LYS A 145 13.21 -5.11 12.14
N ARG A 146 13.69 -4.69 10.97
CA ARG A 146 12.97 -3.81 10.07
C ARG A 146 11.48 -4.12 10.03
N CYS A 147 10.66 -3.08 10.19
CA CYS A 147 9.22 -3.19 10.05
C CYS A 147 8.85 -2.77 8.62
N TRP A 148 8.10 -3.63 7.94
CA TRP A 148 7.79 -3.42 6.52
C TRP A 148 6.44 -2.78 6.27
N SER A 149 5.52 -2.84 7.22
CA SER A 149 4.12 -2.58 6.91
C SER A 149 3.35 -2.24 8.18
N VAL A 150 2.41 -1.31 8.04
CA VAL A 150 1.50 -0.94 9.12
C VAL A 150 0.13 -0.67 8.51
N ASP A 151 -0.93 -1.08 9.20
CA ASP A 151 -2.28 -0.87 8.70
C ASP A 151 -3.22 -0.70 9.88
N PHE A 152 -4.10 0.29 9.77
CA PHE A 152 -5.14 0.50 10.78
C PHE A 152 -6.31 -0.44 10.54
N ASN A 153 -6.86 -0.97 11.63
CA ASN A 153 -8.09 -1.74 11.54
C ASN A 153 -9.21 -0.84 11.01
N LEU A 154 -9.92 -1.33 10.00
CA LEU A 154 -10.95 -0.53 9.35
C LEU A 154 -12.29 -0.56 10.08
N MET A 155 -12.44 -1.41 11.11
CA MET A 155 -13.69 -1.48 11.85
C MET A 155 -13.46 -1.50 13.36
N ASP A 156 -12.28 -1.11 13.82
CA ASP A 156 -12.03 -0.93 15.25
C ASP A 156 -11.11 0.28 15.43
N PRO A 157 -11.59 1.37 16.02
CA PRO A 157 -10.79 2.60 16.04
C PRO A 157 -9.48 2.48 16.81
N LYS A 158 -9.35 1.50 17.71
CA LYS A 158 -8.18 1.42 18.57
C LYS A 158 -7.06 0.55 17.99
N LEU A 159 -7.37 -0.31 17.01
CA LEU A 159 -6.46 -1.38 16.62
C LEU A 159 -5.72 -1.07 15.33
N LEU A 160 -4.46 -1.48 15.27
CA LEU A 160 -3.68 -1.49 14.04
C LEU A 160 -2.71 -2.66 14.10
N ALA A 161 -2.09 -2.96 12.96
CA ALA A 161 -1.19 -4.10 12.85
C ALA A 161 0.07 -3.71 12.09
N SER A 162 1.14 -4.48 12.30
CA SER A 162 2.40 -4.26 11.62
C SER A 162 3.10 -5.59 11.41
N GLY A 163 3.95 -5.63 10.39
CA GLY A 163 4.72 -6.84 10.09
C GLY A 163 6.16 -6.49 9.81
N SER A 164 7.05 -7.44 10.15
CA SER A 164 8.48 -7.16 10.19
C SER A 164 9.28 -8.36 9.72
N ASP A 165 10.54 -8.10 9.38
CA ASP A 165 11.50 -9.16 9.08
C ASP A 165 11.79 -10.05 10.28
N ASP A 166 11.27 -9.72 11.46
CA ASP A 166 11.38 -10.59 12.61
C ASP A 166 10.38 -11.75 12.56
N ALA A 167 9.68 -11.91 11.42
CA ALA A 167 8.74 -13.02 11.25
C ALA A 167 7.60 -12.93 12.26
N LYS A 168 7.08 -11.72 12.47
CA LYS A 168 5.99 -11.49 13.41
C LYS A 168 5.04 -10.45 12.86
N VAL A 169 3.75 -10.68 13.11
CA VAL A 169 2.71 -9.68 12.92
C VAL A 169 2.24 -9.27 14.31
N LYS A 170 2.48 -8.01 14.67
CA LYS A 170 2.12 -7.49 15.99
C LYS A 170 0.84 -6.67 15.90
N LEU A 171 -0.04 -6.87 16.88
CA LEU A 171 -1.27 -6.11 17.00
C LEU A 171 -1.11 -5.06 18.09
N TRP A 172 -1.48 -3.82 17.77
CA TRP A 172 -1.34 -2.70 18.68
C TRP A 172 -2.69 -2.07 18.97
N SER A 173 -2.78 -1.42 20.12
CA SER A 173 -3.97 -0.67 20.52
C SER A 173 -3.55 0.74 20.88
N THR A 174 -4.20 1.74 20.26
CA THR A 174 -3.81 3.13 20.45
C THR A 174 -3.85 3.55 21.92
N ASN A 175 -4.58 2.84 22.77
CA ASN A 175 -4.71 3.17 24.17
C ASN A 175 -3.76 2.38 25.06
N LEU A 176 -2.80 1.66 24.47
CA LEU A 176 -1.88 0.83 25.23
C LEU A 176 -0.47 0.98 24.67
N ASP A 177 0.53 0.94 25.56
CA ASP A 177 1.91 1.14 25.16
C ASP A 177 2.51 -0.09 24.48
N ASN A 178 2.06 -1.28 24.84
CA ASN A 178 2.65 -2.52 24.36
C ASN A 178 1.65 -3.28 23.49
N SER A 179 2.20 -4.11 22.60
CA SER A 179 1.34 -4.87 21.68
C SER A 179 0.39 -5.76 22.47
N VAL A 180 -0.82 -5.92 21.92
CA VAL A 180 -1.84 -6.76 22.56
C VAL A 180 -1.83 -8.19 22.06
N ALA A 181 -1.13 -8.48 20.97
CA ALA A 181 -1.08 -9.83 20.43
C ALA A 181 -0.06 -9.86 19.30
N SER A 182 0.41 -11.06 18.97
CA SER A 182 1.40 -11.22 17.92
C SER A 182 1.21 -12.58 17.27
N ILE A 183 1.33 -12.60 15.94
CA ILE A 183 1.33 -13.84 15.16
C ILE A 183 2.78 -14.16 14.79
N GLU A 184 3.17 -15.40 14.99
CA GLU A 184 4.53 -15.86 14.67
C GLU A 184 4.49 -16.54 13.31
N ALA A 185 4.88 -15.79 12.26
CA ALA A 185 4.97 -16.35 10.93
C ALA A 185 6.21 -17.24 10.82
N LYS A 186 6.37 -17.88 9.67
CA LYS A 186 7.49 -18.78 9.44
C LYS A 186 8.67 -18.09 8.74
N ALA A 187 8.48 -16.87 8.26
CA ALA A 187 9.55 -16.13 7.58
C ALA A 187 9.19 -14.65 7.66
N ASN A 188 9.99 -13.83 6.96
CA ASN A 188 9.76 -12.39 6.98
C ASN A 188 8.33 -12.07 6.58
N VAL A 189 7.77 -11.06 7.24
CA VAL A 189 6.45 -10.53 6.89
C VAL A 189 6.68 -9.21 6.14
N CYS A 190 6.20 -9.16 4.90
CA CYS A 190 6.44 -8.01 4.04
C CYS A 190 5.26 -7.03 3.98
N CYS A 191 4.06 -7.47 4.32
CA CYS A 191 2.88 -6.63 4.18
CA CYS A 191 2.89 -6.61 4.20
C CYS A 191 1.76 -7.18 5.05
N VAL A 192 0.98 -6.27 5.66
CA VAL A 192 -0.18 -6.64 6.46
C VAL A 192 -1.35 -5.76 6.02
N LYS A 193 -2.56 -6.30 6.16
CA LYS A 193 -3.74 -5.56 5.74
C LYS A 193 -4.98 -6.15 6.40
N PHE A 194 -5.75 -5.29 7.06
CA PHE A 194 -7.03 -5.71 7.64
C PHE A 194 -8.07 -5.86 6.55
N SER A 195 -9.02 -6.75 6.79
CA SER A 195 -10.17 -6.86 5.89
C SER A 195 -11.01 -5.60 5.97
N PRO A 196 -11.61 -5.15 4.85
CA PRO A 196 -12.55 -4.02 4.92
C PRO A 196 -13.95 -4.41 5.31
N SER A 197 -14.18 -5.68 5.65
CA SER A 197 -15.50 -6.18 6.00
C SER A 197 -15.57 -6.85 7.36
N SER A 198 -14.46 -6.87 8.11
CA SER A 198 -14.45 -7.48 9.43
C SER A 198 -13.33 -6.88 10.26
N ARG A 199 -13.64 -6.56 11.51
CA ARG A 199 -12.62 -6.08 12.43
C ARG A 199 -11.69 -7.19 12.92
N TYR A 200 -11.98 -8.45 12.59
CA TYR A 200 -11.22 -9.59 13.09
C TYR A 200 -10.51 -10.36 11.99
N HIS A 201 -10.47 -9.86 10.76
CA HIS A 201 -9.85 -10.55 9.64
C HIS A 201 -8.67 -9.75 9.13
N LEU A 202 -7.55 -10.45 8.89
CA LEU A 202 -6.31 -9.81 8.46
C LEU A 202 -5.54 -10.76 7.57
N ALA A 203 -4.89 -10.21 6.55
CA ALA A 203 -4.03 -10.97 5.66
C ALA A 203 -2.64 -10.35 5.66
N PHE A 204 -1.62 -11.18 5.43
CA PHE A 204 -0.26 -10.67 5.33
C PHE A 204 0.53 -11.53 4.36
N GLY A 205 1.45 -10.87 3.65
CA GLY A 205 2.33 -11.53 2.71
C GLY A 205 3.65 -11.86 3.38
N CYS A 206 4.19 -13.04 3.03
CA CYS A 206 5.31 -13.60 3.76
C CYS A 206 6.41 -14.04 2.79
N ALA A 207 7.64 -14.02 3.29
CA ALA A 207 8.78 -14.45 2.48
C ALA A 207 8.75 -15.94 2.17
N ASP A 208 7.80 -16.69 2.72
CA ASP A 208 7.60 -18.08 2.32
C ASP A 208 6.83 -18.19 1.01
N HIS A 209 6.58 -17.07 0.33
CA HIS A 209 5.93 -17.01 -0.98
C HIS A 209 4.43 -17.15 -0.88
N CYS A 210 3.84 -17.06 0.31
CA CYS A 210 2.42 -17.29 0.51
C CYS A 210 1.75 -16.06 1.11
N VAL A 211 0.45 -15.96 0.87
CA VAL A 211 -0.42 -15.03 1.59
C VAL A 211 -1.10 -15.81 2.71
N HIS A 212 -1.06 -15.26 3.92
CA HIS A 212 -1.65 -15.89 5.08
C HIS A 212 -2.86 -15.08 5.52
N TYR A 213 -3.95 -15.77 5.82
CA TYR A 213 -5.22 -15.14 6.16
C TYR A 213 -5.64 -15.62 7.54
N TYR A 214 -5.86 -14.69 8.47
CA TYR A 214 -6.02 -15.01 9.87
C TYR A 214 -7.31 -14.42 10.44
N ASP A 215 -7.73 -14.99 11.57
CA ASP A 215 -8.81 -14.46 12.39
C ASP A 215 -8.21 -14.22 13.77
N LEU A 216 -7.95 -12.94 14.10
CA LEU A 216 -7.15 -12.63 15.27
C LEU A 216 -7.69 -13.26 16.55
N ARG A 217 -8.93 -13.74 16.55
CA ARG A 217 -9.47 -14.39 17.74
C ARG A 217 -8.64 -15.62 18.08
N ASN A 218 -8.22 -16.37 17.06
CA ASN A 218 -7.29 -17.47 17.21
C ASN A 218 -6.15 -17.29 16.23
N THR A 219 -4.93 -17.58 16.69
CA THR A 219 -3.74 -17.40 15.87
C THR A 219 -2.83 -18.62 15.90
N LYS A 220 -3.38 -19.80 16.18
CA LYS A 220 -2.56 -21.00 16.32
C LYS A 220 -1.88 -21.44 15.01
N GLN A 221 -2.53 -21.67 13.85
CA GLN A 221 -3.97 -21.65 13.50
C GLN A 221 -4.30 -20.51 12.53
N PRO A 222 -3.87 -20.64 11.28
CA PRO A 222 -4.36 -19.74 10.22
C PRO A 222 -5.67 -20.24 9.63
N ILE A 223 -6.45 -19.29 9.10
CA ILE A 223 -7.64 -19.68 8.34
C ILE A 223 -7.22 -20.30 7.01
N MET A 224 -6.36 -19.61 6.27
CA MET A 224 -5.95 -20.08 4.95
C MET A 224 -4.54 -19.57 4.63
N VAL A 225 -3.77 -20.41 3.96
CA VAL A 225 -2.48 -20.05 3.40
C VAL A 225 -2.59 -20.19 1.89
N PHE A 226 -2.37 -19.10 1.17
CA PHE A 226 -2.54 -19.08 -0.28
C PHE A 226 -1.21 -19.35 -0.96
N LYS A 227 -1.17 -20.42 -1.76
CA LYS A 227 0.05 -20.88 -2.41
C LYS A 227 -0.03 -20.68 -3.92
N GLY A 228 1.08 -20.28 -4.51
CA GLY A 228 1.15 -20.09 -5.94
C GLY A 228 2.37 -19.28 -6.35
N HIS A 229 2.66 -18.23 -5.59
CA HIS A 229 3.80 -17.37 -5.90
C HIS A 229 5.11 -18.12 -5.74
N ARG A 230 6.08 -17.78 -6.58
CA ARG A 230 7.41 -18.39 -6.54
C ARG A 230 8.41 -17.57 -5.74
N LYS A 231 8.07 -16.34 -5.36
CA LYS A 231 8.96 -15.47 -4.61
C LYS A 231 8.17 -14.83 -3.48
N ALA A 232 8.89 -14.10 -2.63
CA ALA A 232 8.26 -13.45 -1.48
C ALA A 232 7.10 -12.57 -1.94
N VAL A 233 6.04 -12.53 -1.13
CA VAL A 233 4.85 -11.75 -1.44
C VAL A 233 5.05 -10.34 -0.88
N SER A 234 5.30 -9.39 -1.77
CA SER A 234 5.66 -8.04 -1.35
C SER A 234 4.44 -7.20 -0.98
N TYR A 235 3.29 -7.46 -1.60
CA TYR A 235 2.08 -6.70 -1.32
C TYR A 235 0.88 -7.63 -1.31
N ALA A 236 -0.11 -7.27 -0.51
CA ALA A 236 -1.37 -8.01 -0.46
C ALA A 236 -2.47 -7.05 -0.04
N LYS A 237 -3.43 -6.80 -0.93
CA LYS A 237 -4.52 -5.89 -0.67
C LYS A 237 -5.85 -6.63 -0.79
N PHE A 238 -6.88 -6.06 -0.17
CA PHE A 238 -8.24 -6.58 -0.27
C PHE A 238 -8.97 -5.85 -1.38
N VAL A 239 -9.24 -6.54 -2.48
CA VAL A 239 -10.13 -5.99 -3.50
C VAL A 239 -11.53 -5.84 -2.91
N SER A 240 -11.89 -6.70 -1.98
CA SER A 240 -13.17 -6.66 -1.28
C SER A 240 -13.04 -7.59 -0.08
N GLY A 241 -14.12 -7.74 0.67
CA GLY A 241 -14.15 -8.74 1.71
C GLY A 241 -14.07 -10.17 1.21
N GLU A 242 -14.25 -10.38 -0.09
CA GLU A 242 -14.27 -11.71 -0.69
C GLU A 242 -13.06 -12.00 -1.57
N GLU A 243 -12.23 -11.01 -1.88
CA GLU A 243 -11.14 -11.21 -2.83
C GLU A 243 -9.90 -10.47 -2.36
N ILE A 244 -8.76 -11.16 -2.46
CA ILE A 244 -7.45 -10.61 -2.15
C ILE A 244 -6.63 -10.59 -3.43
N VAL A 245 -5.83 -9.54 -3.61
CA VAL A 245 -4.88 -9.45 -4.71
C VAL A 245 -3.48 -9.30 -4.10
N SER A 246 -2.55 -10.14 -4.56
CA SER A 246 -1.20 -10.13 -4.03
C SER A 246 -0.20 -9.89 -5.16
N ALA A 247 0.98 -9.41 -4.79
CA ALA A 247 2.06 -9.17 -5.72
C ALA A 247 3.34 -9.80 -5.20
N SER A 248 4.12 -10.39 -6.10
CA SER A 248 5.43 -10.92 -5.75
C SER A 248 6.39 -10.62 -6.90
N THR A 249 7.68 -10.71 -6.59
CA THR A 249 8.72 -10.38 -7.55
C THR A 249 8.94 -11.49 -8.57
N ASP A 250 7.86 -12.19 -8.96
CA ASP A 250 7.89 -13.09 -10.10
C ASP A 250 7.20 -12.48 -11.32
N SER A 251 7.04 -11.16 -11.35
CA SER A 251 6.30 -10.48 -12.41
C SER A 251 4.87 -11.00 -12.50
N GLN A 252 4.25 -11.22 -11.34
CA GLN A 252 2.92 -11.81 -11.28
C GLN A 252 2.09 -11.14 -10.19
N LEU A 253 0.88 -10.72 -10.54
CA LEU A 253 -0.17 -10.45 -9.59
C LEU A 253 -1.14 -11.62 -9.60
N LYS A 254 -1.67 -11.97 -8.43
CA LYS A 254 -2.60 -13.07 -8.29
C LYS A 254 -3.84 -12.61 -7.55
N LEU A 255 -5.01 -12.97 -8.08
CA LEU A 255 -6.28 -12.69 -7.45
C LEU A 255 -6.78 -13.94 -6.74
N TRP A 256 -7.12 -13.80 -5.46
CA TRP A 256 -7.56 -14.92 -4.64
C TRP A 256 -8.97 -14.68 -4.13
N ASN A 257 -9.65 -15.78 -3.83
CA ASN A 257 -10.92 -15.75 -3.10
C ASN A 257 -10.68 -16.29 -1.70
N VAL A 258 -11.25 -15.62 -0.70
CA VAL A 258 -10.99 -15.95 0.69
C VAL A 258 -11.10 -17.44 0.93
N GLY A 259 -11.97 -18.11 0.20
CA GLY A 259 -12.26 -19.52 0.45
C GLY A 259 -11.49 -20.52 -0.39
N LYS A 260 -10.93 -20.09 -1.56
CA LYS A 260 -10.17 -21.06 -2.34
C LYS A 260 -8.67 -20.94 -2.04
N PRO A 261 -7.97 -22.06 -1.86
CA PRO A 261 -6.53 -21.98 -1.55
C PRO A 261 -5.64 -21.76 -2.75
N TYR A 262 -6.18 -21.78 -3.97
CA TYR A 262 -5.40 -21.56 -5.18
C TYR A 262 -6.03 -20.41 -5.97
N CYS A 263 -5.17 -19.63 -6.62
CA CYS A 263 -5.59 -18.33 -7.11
C CYS A 263 -6.63 -18.45 -8.22
N LEU A 264 -7.46 -17.41 -8.33
CA LEU A 264 -8.49 -17.35 -9.35
C LEU A 264 -7.95 -16.91 -10.71
N ARG A 265 -6.82 -16.21 -10.73
CA ARG A 265 -6.34 -15.57 -11.95
C ARG A 265 -4.97 -14.99 -11.67
N SER A 266 -4.19 -14.84 -12.74
CA SER A 266 -2.88 -14.22 -12.68
C SER A 266 -2.82 -13.11 -13.72
N PHE A 267 -2.28 -11.96 -13.32
CA PHE A 267 -2.17 -10.80 -14.19
C PHE A 267 -0.74 -10.65 -14.67
N LYS A 268 -0.58 -10.40 -15.96
CA LYS A 268 0.74 -10.30 -16.58
C LYS A 268 0.75 -9.11 -17.53
N GLY A 269 1.93 -8.54 -17.72
CA GLY A 269 2.11 -7.38 -18.56
C GLY A 269 3.20 -6.48 -18.03
N HIS A 270 3.22 -6.31 -16.71
CA HIS A 270 4.24 -5.52 -16.05
C HIS A 270 5.48 -6.35 -15.80
N ILE A 271 6.59 -5.66 -15.52
CA ILE A 271 7.87 -6.28 -15.21
C ILE A 271 8.16 -6.05 -13.73
N ASN A 272 8.24 -7.14 -12.96
CA ASN A 272 8.56 -7.04 -11.54
C ASN A 272 9.35 -8.29 -11.15
N GLU A 273 10.68 -8.20 -11.30
CA GLU A 273 11.58 -9.29 -10.94
C GLU A 273 12.52 -8.93 -9.80
N LYS A 274 12.55 -7.67 -9.35
CA LYS A 274 13.56 -7.23 -8.41
C LYS A 274 12.99 -6.36 -7.30
N ASN A 275 12.23 -5.33 -7.66
CA ASN A 275 11.89 -4.24 -6.74
C ASN A 275 10.45 -4.34 -6.29
N PHE A 276 10.17 -3.65 -5.18
CA PHE A 276 8.80 -3.46 -4.71
C PHE A 276 8.17 -2.33 -5.52
N VAL A 277 7.19 -2.67 -6.35
CA VAL A 277 6.65 -1.73 -7.33
C VAL A 277 5.31 -1.15 -6.92
N GLY A 278 4.84 -1.44 -5.71
CA GLY A 278 3.59 -0.87 -5.24
C GLY A 278 2.36 -1.57 -5.81
N LEU A 279 1.28 -1.59 -5.03
CA LEU A 279 0.05 -2.26 -5.44
C LEU A 279 -1.11 -1.49 -4.82
N ALA A 280 -2.16 -1.29 -5.62
CA ALA A 280 -3.34 -0.56 -5.16
C ALA A 280 -4.57 -1.07 -5.90
N SER A 281 -5.67 -1.18 -5.17
CA SER A 281 -6.92 -1.68 -5.72
C SER A 281 -8.06 -0.75 -5.30
N ASN A 282 -8.91 -0.39 -6.26
CA ASN A 282 -10.12 0.38 -6.00
C ASN A 282 -11.27 -0.31 -6.72
N GLY A 283 -12.14 -0.96 -5.95
CA GLY A 283 -13.30 -1.64 -6.50
C GLY A 283 -12.95 -2.81 -7.39
N ASP A 284 -13.06 -2.63 -8.71
CA ASP A 284 -12.82 -3.68 -9.68
C ASP A 284 -11.48 -3.54 -10.39
N TYR A 285 -10.72 -2.49 -10.11
CA TYR A 285 -9.50 -2.19 -10.85
C TYR A 285 -8.28 -2.32 -9.96
N ILE A 286 -7.19 -2.80 -10.56
CA ILE A 286 -5.93 -3.04 -9.86
C ILE A 286 -4.83 -2.27 -10.58
N ALA A 287 -3.96 -1.63 -9.80
CA ALA A 287 -2.84 -0.88 -10.35
C ALA A 287 -1.56 -1.32 -9.65
N CYS A 288 -0.48 -1.47 -10.42
CA CYS A 288 0.81 -1.81 -9.87
C CYS A 288 1.90 -1.19 -10.73
N GLY A 289 3.06 -0.95 -10.11
CA GLY A 289 4.19 -0.40 -10.82
C GLY A 289 4.86 -1.44 -11.70
N SER A 290 5.93 -1.00 -12.36
CA SER A 290 6.67 -1.85 -13.27
C SER A 290 8.11 -1.36 -13.37
N GLU A 291 9.02 -2.29 -13.64
CA GLU A 291 10.44 -1.96 -13.73
C GLU A 291 10.82 -1.38 -15.08
N ASN A 292 9.85 -1.06 -15.93
CA ASN A 292 10.07 -0.21 -17.09
C ASN A 292 9.58 1.22 -16.84
N ASN A 293 9.65 1.67 -15.60
CA ASN A 293 9.31 3.05 -15.24
C ASN A 293 7.90 3.40 -15.71
N SER A 294 6.95 2.50 -15.46
CA SER A 294 5.59 2.68 -15.92
C SER A 294 4.62 2.13 -14.87
N LEU A 295 3.37 2.59 -14.96
CA LEU A 295 2.28 2.09 -14.15
C LEU A 295 1.34 1.27 -15.03
N TYR A 296 0.87 0.15 -14.49
CA TYR A 296 -0.02 -0.74 -15.20
C TYR A 296 -1.35 -0.85 -14.47
N LEU A 297 -2.44 -0.81 -15.24
CA LEU A 297 -3.79 -0.89 -14.71
C LEU A 297 -4.45 -2.16 -15.24
N TYR A 298 -5.12 -2.89 -14.35
CA TYR A 298 -5.82 -4.11 -14.72
C TYR A 298 -7.27 -4.03 -14.24
N TYR A 299 -8.13 -4.76 -14.94
CA TYR A 299 -9.46 -5.08 -14.47
C TYR A 299 -9.42 -6.47 -13.85
N LYS A 300 -9.87 -6.59 -12.59
CA LYS A 300 -9.63 -7.80 -11.82
C LYS A 300 -10.24 -9.05 -12.43
N GLY A 301 -11.15 -8.90 -13.39
CA GLY A 301 -11.76 -10.04 -14.06
C GLY A 301 -11.10 -10.43 -15.36
N LEU A 302 -9.96 -9.84 -15.71
CA LEU A 302 -9.29 -10.18 -16.96
C LEU A 302 -7.79 -10.03 -16.76
N SER A 303 -7.03 -11.00 -17.30
CA SER A 303 -5.60 -11.07 -17.03
C SER A 303 -4.80 -10.03 -17.80
N LYS A 304 -5.35 -9.48 -18.89
CA LYS A 304 -4.58 -8.62 -19.77
C LYS A 304 -4.56 -7.18 -19.28
N THR A 305 -3.47 -6.48 -19.60
CA THR A 305 -3.33 -5.09 -19.22
C THR A 305 -4.45 -4.24 -19.82
N LEU A 306 -5.03 -3.37 -19.00
CA LEU A 306 -6.04 -2.44 -19.49
C LEU A 306 -5.39 -1.24 -20.16
N LEU A 307 -4.49 -0.56 -19.46
CA LEU A 307 -3.75 0.55 -20.04
C LEU A 307 -2.45 0.73 -19.26
N THR A 308 -1.59 1.59 -19.78
CA THR A 308 -0.28 1.83 -19.19
C THR A 308 0.00 3.33 -19.19
N PHE A 309 0.75 3.77 -18.18
CA PHE A 309 1.27 5.13 -18.12
C PHE A 309 2.77 5.06 -17.90
N LYS A 310 3.52 5.75 -18.77
CA LYS A 310 4.98 5.71 -18.74
C LYS A 310 5.50 7.02 -18.16
N PHE A 311 6.20 6.93 -17.03
CA PHE A 311 6.86 8.10 -16.48
C PHE A 311 7.98 8.57 -17.39
N ASP A 312 8.17 9.88 -17.46
CA ASP A 312 9.37 10.41 -18.09
C ASP A 312 10.58 10.14 -17.19
N THR A 313 11.77 10.44 -17.73
CA THR A 313 12.99 10.26 -16.95
C THR A 313 14.00 11.31 -17.35
N VAL A 314 14.75 11.79 -16.36
CA VAL A 314 15.78 12.81 -16.60
C VAL A 314 17.11 12.35 -16.03
N ASN A 328 16.38 1.95 -16.08
CA ASN A 328 16.24 0.98 -15.00
C ASN A 328 15.43 1.54 -13.84
N GLU A 329 14.78 2.69 -14.05
CA GLU A 329 13.88 3.24 -13.05
C GLU A 329 12.58 2.43 -13.01
N PHE A 330 11.90 2.51 -11.88
CA PHE A 330 10.68 1.74 -11.67
C PHE A 330 9.68 2.53 -10.86
N VAL A 331 8.39 2.27 -11.12
CA VAL A 331 7.34 2.79 -10.26
C VAL A 331 7.36 2.03 -8.94
N SER A 332 7.30 2.76 -7.83
CA SER A 332 7.53 2.19 -6.51
C SER A 332 6.34 2.29 -5.57
N ALA A 333 5.30 3.05 -5.92
CA ALA A 333 4.15 3.19 -5.03
C ALA A 333 2.97 3.70 -5.84
N VAL A 334 1.77 3.30 -5.42
CA VAL A 334 0.54 3.72 -6.06
C VAL A 334 -0.57 3.70 -5.03
N CYS A 335 -1.51 4.64 -5.16
CA CYS A 335 -2.63 4.74 -4.24
C CYS A 335 -3.83 5.32 -4.98
N TRP A 336 -4.99 4.72 -4.75
CA TRP A 336 -6.24 5.22 -5.29
C TRP A 336 -6.79 6.31 -4.38
N ARG A 337 -7.23 7.43 -4.97
CA ARG A 337 -8.04 8.40 -4.26
C ARG A 337 -9.45 7.84 -4.19
N ALA A 338 -9.67 6.99 -3.17
CA ALA A 338 -10.95 6.30 -3.00
C ALA A 338 -11.94 7.24 -2.33
N LEU A 339 -12.37 8.24 -3.09
CA LEU A 339 -13.36 9.19 -2.62
C LEU A 339 -14.67 8.45 -2.37
N PRO A 340 -15.12 8.30 -1.12
CA PRO A 340 -16.38 7.59 -0.88
C PRO A 340 -17.55 8.30 -1.52
N ASP A 341 -18.39 7.53 -2.23
CA ASP A 341 -19.51 8.08 -2.99
C ASP A 341 -19.00 9.01 -4.09
N GLY A 342 -18.47 8.37 -5.14
CA GLY A 342 -17.92 9.11 -6.26
C GLY A 342 -17.34 8.17 -7.28
N GLU A 343 -16.58 8.77 -8.21
CA GLU A 343 -15.93 8.04 -9.30
C GLU A 343 -14.43 8.04 -9.02
N SER A 344 -13.89 6.86 -8.71
CA SER A 344 -12.45 6.72 -8.44
C SER A 344 -11.69 6.73 -9.76
N ASN A 345 -11.65 7.90 -10.38
CA ASN A 345 -10.99 8.09 -11.66
C ASN A 345 -9.56 8.59 -11.52
N VAL A 346 -9.10 8.87 -10.30
CA VAL A 346 -7.78 9.47 -10.10
C VAL A 346 -7.01 8.65 -9.07
N LEU A 347 -5.70 8.59 -9.27
CA LEU A 347 -4.80 7.94 -8.34
C LEU A 347 -3.46 8.66 -8.40
N ILE A 348 -2.60 8.34 -7.44
CA ILE A 348 -1.27 8.93 -7.35
C ILE A 348 -0.25 7.79 -7.40
N ALA A 349 0.79 7.98 -8.21
CA ALA A 349 1.88 7.02 -8.33
C ALA A 349 3.21 7.74 -8.24
N ALA A 350 4.22 7.03 -7.75
CA ALA A 350 5.56 7.58 -7.62
C ALA A 350 6.57 6.54 -8.10
N ASN A 351 7.74 7.02 -8.50
CA ASN A 351 8.77 6.16 -9.05
C ASN A 351 10.05 6.27 -8.23
N SER A 352 11.05 5.48 -8.64
CA SER A 352 12.30 5.38 -7.91
C SER A 352 13.12 6.65 -7.97
N GLN A 353 12.83 7.54 -8.91
CA GLN A 353 13.50 8.84 -8.97
C GLN A 353 12.89 9.87 -8.04
N GLY A 354 11.89 9.48 -7.25
CA GLY A 354 11.18 10.42 -6.40
C GLY A 354 10.10 11.22 -7.11
N THR A 355 9.93 11.02 -8.41
CA THR A 355 8.88 11.73 -9.14
C THR A 355 7.52 11.20 -8.73
N ILE A 356 6.59 12.13 -8.49
CA ILE A 356 5.23 11.82 -8.08
C ILE A 356 4.27 12.45 -9.09
N LYS A 357 3.26 11.70 -9.49
CA LYS A 357 2.28 12.18 -10.45
C LYS A 357 0.88 11.82 -9.99
N VAL A 358 -0.02 12.81 -10.04
CA VAL A 358 -1.44 12.57 -9.86
C VAL A 358 -2.04 12.36 -11.24
N LEU A 359 -2.70 11.21 -11.43
CA LEU A 359 -3.15 10.78 -12.74
C LEU A 359 -4.66 10.63 -12.75
N GLU A 360 -5.30 11.15 -13.79
CA GLU A 360 -6.73 10.99 -14.01
C GLU A 360 -6.96 9.98 -15.12
N LEU A 361 -7.79 8.97 -14.84
CA LEU A 361 -8.17 7.98 -15.84
C LEU A 361 -9.28 8.58 -16.70
N VAL A 362 -8.99 8.79 -17.98
CA VAL A 362 -9.98 9.31 -18.92
C VAL A 362 -10.57 8.15 -19.71
#